data_2K66
#
_entry.id   2K66
#
_entity_poly.entity_id   1
_entity_poly.type   'polyribonucleotide'
_entity_poly.pdbx_seq_one_letter_code
;GGAGUAUGUGAAAGCAUACUCC
;
_entity_poly.pdbx_strand_id   A
#